data_6ALC
#
_entry.id   6ALC
#
_cell.length_a   124.924
_cell.length_b   124.924
_cell.length_c   40.241
_cell.angle_alpha   90.000
_cell.angle_beta   90.000
_cell.angle_gamma   120.000
#
_symmetry.space_group_name_H-M   'H 3'
#
loop_
_entity.id
_entity.type
_entity.pdbx_description
1 polymer 'CREB-binding protein'
2 non-polymer 'DIMETHYL SULFOXIDE'
3 non-polymer 1,2-ETHANEDIOL
4 non-polymer 1-[1-(cyclopropylmethyl)-3-(1H-indol-4-yl)-1,4,6,7-tetrahydro-5H-pyrazolo[4,3-c]pyridin-5-yl]ethan-1-one
5 water water
#
_entity_poly.entity_id   1
_entity_poly.type   'polypeptide(L)'
_entity_poly.pdbx_seq_one_letter_code
;AAFKPEELRQALMPTLEALYRQDPESLPFRQPVDPQLLGIPDYFDIVKNPMDLSTIKRKLDTGQYQEPWQYVDDVWLMFN
NAWLYNRKTSRVYKFCSKLAEVFEQEIDPVMQAL
;
_entity_poly.pdbx_strand_id   A,B
#
loop_
_chem_comp.id
_chem_comp.type
_chem_comp.name
_chem_comp.formula
BKD non-polymer 1-[1-(cyclopropylmethyl)-3-(1H-indol-4-yl)-1,4,6,7-tetrahydro-5H-pyrazolo[4,3-c]pyridin-5-yl]ethan-1-one 'C20 H22 N4 O'
DMS non-polymer 'DIMETHYL SULFOXIDE' 'C2 H6 O S'
EDO non-polymer 1,2-ETHANEDIOL 'C2 H6 O2'
#
# COMPACT_ATOMS: atom_id res chain seq x y z
N ALA A 1 3.94 16.37 14.61
CA ALA A 1 2.87 16.30 13.63
C ALA A 1 2.40 14.86 13.43
N ALA A 2 1.09 14.68 13.34
CA ALA A 2 0.50 13.42 12.92
C ALA A 2 0.07 13.59 11.47
N PHE A 3 0.45 12.62 10.63
CA PHE A 3 0.08 12.64 9.22
C PHE A 3 -1.18 11.82 9.01
N LYS A 4 -2.12 12.36 8.24
CA LYS A 4 -3.25 11.53 7.88
C LYS A 4 -2.85 10.63 6.72
N PRO A 5 -3.26 9.36 6.74
CA PRO A 5 -2.67 8.39 5.79
C PRO A 5 -2.93 8.74 4.34
N GLU A 6 -4.16 9.14 4.01
CA GLU A 6 -4.49 9.40 2.62
C GLU A 6 -3.86 10.70 2.14
N GLU A 7 -3.64 11.64 3.07
CA GLU A 7 -2.93 12.87 2.72
C GLU A 7 -1.45 12.61 2.48
N LEU A 8 -0.83 11.76 3.31
CA LEU A 8 0.56 11.39 3.10
C LEU A 8 0.72 10.68 1.77
N ARG A 9 -0.18 9.73 1.48
CA ARG A 9 -0.13 9.01 0.22
C ARG A 9 -0.24 9.98 -0.95
N GLN A 10 -1.21 10.93 -0.87
CA GLN A 10 -1.40 11.86 -1.99
C GLN A 10 -0.18 12.75 -2.19
N ALA A 11 0.46 13.18 -1.10
CA ALA A 11 1.63 14.05 -1.24
C ALA A 11 2.83 13.31 -1.85
N LEU A 12 3.00 12.03 -1.51
CA LEU A 12 4.20 11.31 -1.93
C LEU A 12 4.01 10.57 -3.26
N MET A 13 2.78 10.21 -3.60
CA MET A 13 2.54 9.40 -4.79
C MET A 13 3.18 9.94 -6.07
N PRO A 14 3.09 11.26 -6.37
CA PRO A 14 3.72 11.79 -7.60
C PRO A 14 5.20 11.48 -7.66
N THR A 15 5.88 11.43 -6.51
CA THR A 15 7.32 11.15 -6.58
C THR A 15 7.56 9.70 -6.93
N LEU A 16 6.68 8.79 -6.49
CA LEU A 16 6.79 7.37 -6.82
C LEU A 16 6.43 7.15 -8.30
N GLU A 17 5.39 7.85 -8.76
CA GLU A 17 5.05 7.79 -10.20
C GLU A 17 6.20 8.26 -11.07
N ALA A 18 6.93 9.30 -10.65
CA ALA A 18 8.04 9.80 -11.46
C ALA A 18 9.13 8.75 -11.60
N LEU A 19 9.38 7.97 -10.56
CA LEU A 19 10.36 6.91 -10.68
C LEU A 19 9.83 5.82 -11.59
N TYR A 20 8.60 5.36 -11.34
CA TYR A 20 8.09 4.20 -12.04
C TYR A 20 7.94 4.44 -13.54
N ARG A 21 7.70 5.70 -13.98
CA ARG A 21 7.43 5.99 -15.38
C ARG A 21 8.70 6.28 -16.20
N GLN A 22 9.90 6.23 -15.62
CA GLN A 22 11.12 6.39 -16.40
C GLN A 22 11.30 5.14 -17.28
N ASP A 23 11.44 5.32 -18.58
CA ASP A 23 11.58 4.22 -19.52
C ASP A 23 12.84 4.57 -20.30
N PRO A 24 13.89 3.75 -20.23
CA PRO A 24 13.89 2.41 -19.68
C PRO A 24 14.36 2.31 -18.22
N GLU A 25 14.69 3.43 -17.55
CA GLU A 25 15.50 3.30 -16.33
C GLU A 25 14.78 2.64 -15.15
N SER A 26 13.44 2.69 -15.11
CA SER A 26 12.72 2.03 -14.02
C SER A 26 12.62 0.52 -14.19
N LEU A 27 12.94 -0.03 -15.38
CA LEU A 27 12.55 -1.42 -15.66
C LEU A 27 13.12 -2.43 -14.68
N PRO A 28 14.38 -2.34 -14.26
CA PRO A 28 14.92 -3.33 -13.30
C PRO A 28 14.33 -3.20 -11.90
N PHE A 29 13.57 -2.14 -11.63
CA PHE A 29 13.12 -1.79 -10.29
C PHE A 29 11.62 -1.85 -10.11
N ARG A 30 10.89 -2.28 -11.12
CA ARG A 30 9.43 -2.32 -11.03
C ARG A 30 8.91 -3.55 -10.29
N GLN A 31 9.73 -4.55 -9.99
CA GLN A 31 9.29 -5.79 -9.35
C GLN A 31 10.42 -6.24 -8.45
N PRO A 32 10.12 -7.07 -7.43
CA PRO A 32 11.19 -7.57 -6.55
C PRO A 32 12.20 -8.36 -7.36
N VAL A 33 13.48 -8.25 -6.98
CA VAL A 33 14.50 -9.14 -7.55
C VAL A 33 14.13 -10.58 -7.26
N ASP A 34 14.05 -11.41 -8.30
CA ASP A 34 13.82 -12.86 -8.15
C ASP A 34 15.13 -13.56 -8.49
N PRO A 35 15.94 -13.92 -7.50
CA PRO A 35 17.25 -14.52 -7.82
C PRO A 35 17.16 -15.83 -8.58
N GLN A 36 16.08 -16.58 -8.43
CA GLN A 36 15.98 -17.84 -9.16
C GLN A 36 15.81 -17.57 -10.65
N LEU A 37 14.83 -16.75 -11.00
CA LEU A 37 14.63 -16.41 -12.40
C LEU A 37 15.82 -15.68 -12.99
N LEU A 38 16.53 -14.87 -12.20
CA LEU A 38 17.67 -14.13 -12.72
C LEU A 38 18.96 -14.96 -12.75
N GLY A 39 18.96 -16.13 -12.13
CA GLY A 39 20.16 -16.97 -12.08
C GLY A 39 21.26 -16.36 -11.23
N ILE A 40 20.91 -15.72 -10.12
CA ILE A 40 21.89 -15.06 -9.26
C ILE A 40 21.75 -15.50 -7.81
N PRO A 41 22.15 -16.73 -7.46
CA PRO A 41 21.85 -17.19 -6.08
C PRO A 41 22.55 -16.42 -5.00
N ASP A 42 23.62 -15.68 -5.33
CA ASP A 42 24.30 -14.85 -4.34
C ASP A 42 23.51 -13.62 -3.92
N TYR A 43 22.40 -13.30 -4.60
CA TYR A 43 21.76 -11.99 -4.38
C TYR A 43 21.34 -11.78 -2.93
N PHE A 44 20.56 -12.71 -2.35
CA PHE A 44 20.12 -12.49 -0.97
C PHE A 44 21.27 -12.60 0.03
N ASP A 45 22.43 -13.15 -0.37
CA ASP A 45 23.56 -13.13 0.55
C ASP A 45 24.12 -11.73 0.69
N ILE A 46 24.02 -10.93 -0.36
CA ILE A 46 24.58 -9.58 -0.41
C ILE A 46 23.55 -8.53 -0.01
N VAL A 47 22.32 -8.71 -0.46
CA VAL A 47 21.22 -7.78 -0.23
C VAL A 47 20.32 -8.41 0.83
N LYS A 48 20.45 -7.94 2.07
CA LYS A 48 19.73 -8.52 3.19
C LYS A 48 18.33 -7.93 3.38
N ASN A 49 18.07 -6.74 2.82
CA ASN A 49 16.76 -6.09 2.91
C ASN A 49 16.35 -5.61 1.53
N PRO A 50 15.79 -6.51 0.72
CA PRO A 50 15.42 -6.13 -0.66
C PRO A 50 14.30 -5.10 -0.66
N MET A 51 14.29 -4.28 -1.68
CA MET A 51 13.22 -3.29 -1.86
C MET A 51 13.10 -2.96 -3.33
N ASP A 52 11.88 -2.68 -3.76
CA ASP A 52 11.63 -2.32 -5.16
C ASP A 52 10.39 -1.42 -5.24
N LEU A 53 10.16 -0.84 -6.43
CA LEU A 53 9.06 0.12 -6.59
C LEU A 53 7.69 -0.48 -6.31
N SER A 54 7.46 -1.74 -6.67
CA SER A 54 6.13 -2.32 -6.46
C SER A 54 5.85 -2.46 -4.98
N THR A 55 6.87 -2.82 -4.22
CA THR A 55 6.71 -2.95 -2.78
C THR A 55 6.48 -1.59 -2.14
N ILE A 56 7.25 -0.58 -2.53
CA ILE A 56 7.01 0.78 -2.05
C ILE A 56 5.56 1.24 -2.35
N LYS A 57 5.09 0.98 -3.59
CA LYS A 57 3.70 1.29 -3.93
C LYS A 57 2.72 0.63 -2.98
N ARG A 58 2.87 -0.69 -2.75
CA ARG A 58 1.95 -1.39 -1.87
C ARG A 58 1.97 -0.80 -0.46
N LYS A 59 3.16 -0.46 0.03
CA LYS A 59 3.29 0.15 1.36
C LYS A 59 2.65 1.55 1.41
N LEU A 60 2.82 2.34 0.35
CA LEU A 60 2.21 3.67 0.27
C LEU A 60 0.70 3.58 0.22
N ASP A 61 0.14 2.54 -0.41
CA ASP A 61 -1.30 2.39 -0.54
C ASP A 61 -1.97 1.80 0.71
N THR A 62 -1.19 1.22 1.66
CA THR A 62 -1.76 0.45 2.77
C THR A 62 -1.32 0.97 4.13
N GLY A 63 -1.05 2.27 4.23
CA GLY A 63 -0.81 2.87 5.53
C GLY A 63 0.45 2.40 6.24
N GLN A 64 1.46 1.93 5.51
CA GLN A 64 2.66 1.41 6.17
C GLN A 64 3.70 2.49 6.47
N TYR A 65 3.59 3.68 5.84
CA TYR A 65 4.47 4.82 6.13
C TYR A 65 3.68 5.81 6.98
N GLN A 66 4.05 5.94 8.25
CA GLN A 66 3.41 6.89 9.16
C GLN A 66 3.99 8.30 9.04
N GLU A 67 5.24 8.39 8.58
CA GLU A 67 5.93 9.66 8.41
C GLU A 67 6.67 9.62 7.07
N PRO A 68 6.80 10.77 6.40
CA PRO A 68 7.47 10.80 5.09
C PRO A 68 8.87 10.19 5.10
N TRP A 69 9.64 10.34 6.19
CA TRP A 69 11.01 9.85 6.18
C TRP A 69 11.06 8.35 6.00
N GLN A 70 9.97 7.63 6.40
CA GLN A 70 9.98 6.17 6.23
C GLN A 70 9.90 5.76 4.76
N TYR A 71 9.12 6.52 3.98
CA TYR A 71 9.07 6.35 2.53
C TYR A 71 10.41 6.69 1.89
N VAL A 72 11.01 7.83 2.27
CA VAL A 72 12.30 8.24 1.72
C VAL A 72 13.34 7.15 2.00
N ASP A 73 13.33 6.60 3.23
CA ASP A 73 14.33 5.57 3.57
C ASP A 73 14.17 4.31 2.70
N ASP A 74 12.94 3.91 2.37
CA ASP A 74 12.77 2.74 1.51
C ASP A 74 13.25 3.01 0.09
N VAL A 75 13.02 4.22 -0.43
CA VAL A 75 13.50 4.55 -1.79
C VAL A 75 15.02 4.44 -1.83
N TRP A 76 15.69 5.05 -0.83
CA TRP A 76 17.16 4.97 -0.78
C TRP A 76 17.66 3.55 -0.52
N LEU A 77 16.91 2.76 0.23
CA LEU A 77 17.28 1.35 0.39
C LEU A 77 17.32 0.66 -0.97
N MET A 78 16.29 0.82 -1.77
CA MET A 78 16.29 0.25 -3.11
C MET A 78 17.54 0.69 -3.90
N PHE A 79 17.85 2.01 -3.89
CA PHE A 79 19.00 2.49 -4.65
C PHE A 79 20.31 1.90 -4.10
N ASN A 80 20.48 1.94 -2.78
CA ASN A 80 21.74 1.47 -2.18
C ASN A 80 21.92 -0.04 -2.41
N ASN A 81 20.84 -0.82 -2.45
CA ASN A 81 20.97 -2.23 -2.76
C ASN A 81 21.58 -2.41 -4.14
N ALA A 82 21.08 -1.65 -5.14
CA ALA A 82 21.56 -1.80 -6.51
C ALA A 82 23.01 -1.32 -6.66
N TRP A 83 23.36 -0.26 -5.94
CA TRP A 83 24.72 0.26 -6.02
C TRP A 83 25.72 -0.62 -5.30
N LEU A 84 25.29 -1.45 -4.35
CA LEU A 84 26.14 -2.43 -3.70
C LEU A 84 26.33 -3.66 -4.55
N TYR A 85 25.26 -4.15 -5.19
CA TYR A 85 25.29 -5.47 -5.82
C TYR A 85 25.92 -5.43 -7.23
N ASN A 86 25.78 -4.32 -7.95
CA ASN A 86 26.06 -4.27 -9.39
C ASN A 86 27.32 -3.45 -9.68
N ARG A 87 28.02 -3.85 -10.75
CA ARG A 87 29.15 -3.07 -11.25
C ARG A 87 28.73 -1.63 -11.60
N LYS A 88 29.65 -0.70 -11.37
CA LYS A 88 29.38 0.71 -11.72
C LYS A 88 28.93 0.90 -13.14
N THR A 89 29.53 0.22 -14.10
CA THR A 89 29.12 0.54 -15.46
C THR A 89 28.00 -0.37 -15.98
N SER A 90 27.40 -1.17 -15.10
CA SER A 90 26.30 -2.03 -15.52
C SER A 90 25.07 -1.19 -15.83
N ARG A 91 24.16 -1.77 -16.63
CA ARG A 91 22.88 -1.12 -16.89
C ARG A 91 22.12 -0.86 -15.61
N VAL A 92 22.03 -1.87 -14.72
CA VAL A 92 21.30 -1.67 -13.45
C VAL A 92 21.83 -0.48 -12.67
N TYR A 93 23.16 -0.39 -12.54
CA TYR A 93 23.74 0.66 -11.73
C TYR A 93 23.49 2.03 -12.37
N LYS A 94 23.70 2.15 -13.68
CA LYS A 94 23.47 3.40 -14.37
C LYS A 94 22.02 3.81 -14.31
N PHE A 95 21.11 2.84 -14.41
CA PHE A 95 19.70 3.16 -14.33
C PHE A 95 19.33 3.62 -12.93
N CYS A 96 19.88 2.95 -11.93
CA CYS A 96 19.69 3.34 -10.54
C CYS A 96 20.11 4.79 -10.33
N SER A 97 21.29 5.16 -10.86
CA SER A 97 21.73 6.55 -10.70
C SER A 97 20.75 7.55 -11.33
N LYS A 98 20.18 7.20 -12.48
CA LYS A 98 19.18 8.09 -13.07
C LYS A 98 17.96 8.23 -12.14
N LEU A 99 17.46 7.12 -11.60
CA LEU A 99 16.29 7.21 -10.70
C LEU A 99 16.62 8.06 -9.49
N ALA A 100 17.86 7.97 -9.00
CA ALA A 100 18.20 8.73 -7.81
C ALA A 100 18.20 10.23 -8.12
N GLU A 101 18.69 10.61 -9.33
CA GLU A 101 18.63 12.00 -9.76
C GLU A 101 17.19 12.49 -9.86
N VAL A 102 16.30 11.68 -10.46
CA VAL A 102 14.89 12.03 -10.52
C VAL A 102 14.34 12.20 -9.12
N PHE A 103 14.62 11.23 -8.24
CA PHE A 103 14.04 11.31 -6.91
C PHE A 103 14.49 12.54 -6.15
N GLU A 104 15.79 12.84 -6.16
CA GLU A 104 16.26 14.08 -5.52
C GLU A 104 15.50 15.32 -5.99
N GLN A 105 15.27 15.46 -7.31
CA GLN A 105 14.58 16.64 -7.82
C GLN A 105 13.11 16.66 -7.41
N GLU A 106 12.47 15.49 -7.33
CA GLU A 106 11.04 15.43 -7.02
C GLU A 106 10.77 15.52 -5.52
N ILE A 107 11.60 14.88 -4.70
CA ILE A 107 11.31 14.78 -3.25
C ILE A 107 11.53 16.10 -2.54
N ASP A 108 12.46 16.92 -3.03
CA ASP A 108 12.88 18.06 -2.22
C ASP A 108 11.79 19.11 -2.09
N PRO A 109 11.09 19.53 -3.14
CA PRO A 109 9.94 20.42 -2.91
C PRO A 109 8.85 19.81 -2.07
N VAL A 110 8.55 18.52 -2.28
CA VAL A 110 7.50 17.87 -1.51
C VAL A 110 7.87 17.84 -0.02
N MET A 111 9.12 17.53 0.31
CA MET A 111 9.49 17.52 1.73
C MET A 111 9.45 18.92 2.34
N GLN A 112 9.79 19.95 1.56
CA GLN A 112 9.67 21.33 2.04
C GLN A 112 8.24 21.62 2.47
N ALA A 113 7.27 21.23 1.64
CA ALA A 113 5.86 21.45 1.92
C ALA A 113 5.28 20.46 2.92
N LEU A 114 6.02 19.42 3.28
CA LEU A 114 5.51 18.36 4.15
C LEU A 114 4.42 17.51 3.48
N ALA B 1 6.54 -17.42 4.15
CA ALA B 1 5.82 -18.17 5.17
C ALA B 1 4.46 -18.71 4.67
N ALA B 2 4.08 -19.91 5.14
CA ALA B 2 2.83 -20.57 4.75
C ALA B 2 1.78 -20.34 5.84
N PHE B 3 0.62 -19.81 5.46
CA PHE B 3 -0.42 -19.41 6.40
C PHE B 3 -1.70 -20.19 6.16
N LYS B 4 -2.21 -20.85 7.23
CA LYS B 4 -3.49 -21.53 7.12
C LYS B 4 -4.65 -20.56 7.35
N PRO B 5 -5.76 -20.73 6.64
CA PRO B 5 -6.81 -19.70 6.66
C PRO B 5 -7.41 -19.42 8.04
N GLU B 6 -7.45 -20.45 8.91
CA GLU B 6 -8.04 -20.25 10.23
C GLU B 6 -7.12 -19.45 11.14
N GLU B 7 -5.80 -19.67 11.03
CA GLU B 7 -4.86 -18.81 11.75
C GLU B 7 -4.95 -17.37 11.24
N LEU B 8 -4.94 -17.20 9.92
CA LEU B 8 -5.28 -15.89 9.38
C LEU B 8 -6.61 -15.39 9.94
N ARG B 9 -7.66 -16.20 9.78
CA ARG B 9 -8.97 -15.81 10.26
C ARG B 9 -8.93 -15.46 11.74
N GLN B 10 -8.41 -16.39 12.58
CA GLN B 10 -8.30 -16.08 13.99
C GLN B 10 -7.36 -14.92 14.24
N ALA B 11 -6.28 -14.81 13.46
CA ALA B 11 -5.38 -13.67 13.61
C ALA B 11 -6.00 -12.39 13.05
N LEU B 12 -6.72 -12.47 11.93
CA LEU B 12 -7.18 -11.26 11.24
C LEU B 12 -8.60 -10.86 11.60
N MET B 13 -9.48 -11.82 11.90
CA MET B 13 -10.88 -11.49 12.18
C MET B 13 -11.05 -10.44 13.25
N PRO B 14 -10.32 -10.48 14.37
CA PRO B 14 -10.42 -9.39 15.34
C PRO B 14 -10.23 -8.01 14.75
N THR B 15 -9.33 -7.88 13.77
CA THR B 15 -9.13 -6.57 13.13
C THR B 15 -10.33 -6.19 12.27
N LEU B 16 -10.98 -7.18 11.62
CA LEU B 16 -12.21 -6.92 10.88
C LEU B 16 -13.38 -6.68 11.82
N GLU B 17 -13.54 -7.55 12.82
CA GLU B 17 -14.53 -7.33 13.86
C GLU B 17 -14.38 -5.92 14.44
N ALA B 18 -13.14 -5.45 14.57
CA ALA B 18 -12.91 -4.10 15.10
C ALA B 18 -13.47 -3.05 14.15
N LEU B 19 -13.44 -3.31 12.84
CA LEU B 19 -14.08 -2.41 11.90
C LEU B 19 -15.61 -2.49 12.01
N TYR B 20 -16.19 -3.71 11.92
CA TYR B 20 -17.65 -3.84 12.02
C TYR B 20 -18.17 -3.18 13.29
N ARG B 21 -17.41 -3.30 14.39
CA ARG B 21 -17.90 -2.84 15.68
C ARG B 21 -17.99 -1.32 15.79
N GLN B 22 -17.38 -0.60 14.86
CA GLN B 22 -17.46 0.86 14.83
C GLN B 22 -18.86 1.27 14.37
N ASP B 23 -19.65 1.86 15.27
CA ASP B 23 -20.97 2.37 14.93
C ASP B 23 -21.00 3.86 15.22
N PRO B 24 -21.33 4.72 14.26
CA PRO B 24 -21.89 4.45 12.93
C PRO B 24 -20.88 4.35 11.78
N GLU B 25 -19.58 4.40 12.07
CA GLU B 25 -18.61 4.64 11.01
C GLU B 25 -18.48 3.48 10.05
N SER B 26 -18.78 2.26 10.47
CA SER B 26 -18.77 1.21 9.47
C SER B 26 -20.01 1.24 8.58
N LEU B 27 -21.06 1.97 8.97
CA LEU B 27 -22.32 1.80 8.27
C LEU B 27 -22.26 2.03 6.76
N PRO B 28 -21.54 3.04 6.23
CA PRO B 28 -21.43 3.14 4.77
C PRO B 28 -20.68 1.98 4.15
N PHE B 29 -20.00 1.16 4.94
CA PHE B 29 -19.11 0.13 4.43
C PHE B 29 -19.59 -1.29 4.67
N ARG B 30 -20.80 -1.49 5.20
CA ARG B 30 -21.27 -2.83 5.55
C ARG B 30 -21.68 -3.66 4.35
N GLN B 31 -22.19 -3.05 3.30
CA GLN B 31 -22.58 -3.77 2.11
CA GLN B 31 -22.65 -3.72 2.09
C GLN B 31 -22.00 -3.07 0.89
N PRO B 32 -21.94 -3.76 -0.25
CA PRO B 32 -21.44 -3.11 -1.46
C PRO B 32 -22.22 -1.83 -1.75
N VAL B 33 -21.49 -0.80 -2.16
CA VAL B 33 -22.14 0.42 -2.62
C VAL B 33 -23.15 0.08 -3.72
N ASP B 34 -24.36 0.59 -3.57
CA ASP B 34 -25.46 0.37 -4.52
C ASP B 34 -25.77 1.72 -5.13
N PRO B 35 -25.14 2.08 -6.27
CA PRO B 35 -25.29 3.45 -6.77
C PRO B 35 -26.72 3.79 -7.21
N GLN B 36 -27.46 2.83 -7.77
CA GLN B 36 -28.82 3.16 -8.18
C GLN B 36 -29.66 3.53 -6.96
N LEU B 37 -29.48 2.79 -5.86
CA LEU B 37 -30.27 3.04 -4.66
C LEU B 37 -29.95 4.40 -4.04
N LEU B 38 -28.66 4.71 -3.92
CA LEU B 38 -28.21 5.99 -3.38
C LEU B 38 -28.39 7.14 -4.35
N GLY B 39 -28.65 6.85 -5.62
CA GLY B 39 -28.81 7.93 -6.60
C GLY B 39 -27.49 8.53 -7.06
N ILE B 40 -26.46 7.71 -7.21
CA ILE B 40 -25.11 8.21 -7.53
C ILE B 40 -24.54 7.49 -8.76
N PRO B 41 -25.08 7.76 -9.95
CA PRO B 41 -24.67 6.98 -11.13
C PRO B 41 -23.19 7.11 -11.50
N ASP B 42 -22.47 8.15 -11.06
CA ASP B 42 -21.04 8.26 -11.41
C ASP B 42 -20.15 7.32 -10.61
N TYR B 43 -20.70 6.59 -9.63
CA TYR B 43 -19.86 5.85 -8.70
C TYR B 43 -18.92 4.87 -9.43
N PHE B 44 -19.47 4.01 -10.30
CA PHE B 44 -18.62 3.03 -10.98
C PHE B 44 -17.74 3.64 -12.07
N ASP B 45 -17.98 4.87 -12.47
CA ASP B 45 -17.00 5.53 -13.32
C ASP B 45 -15.75 5.87 -12.52
N ILE B 46 -15.89 6.10 -11.21
CA ILE B 46 -14.79 6.59 -10.41
C ILE B 46 -14.07 5.45 -9.73
N VAL B 47 -14.85 4.53 -9.16
CA VAL B 47 -14.36 3.42 -8.36
C VAL B 47 -14.34 2.19 -9.25
N LYS B 48 -13.16 1.89 -9.81
CA LYS B 48 -13.03 0.80 -10.80
C LYS B 48 -13.09 -0.58 -10.17
N ASN B 49 -12.74 -0.70 -8.88
CA ASN B 49 -12.62 -1.98 -8.17
C ASN B 49 -13.28 -1.89 -6.79
N PRO B 50 -14.60 -2.10 -6.71
CA PRO B 50 -15.34 -1.91 -5.44
C PRO B 50 -14.92 -2.94 -4.39
N MET B 51 -15.09 -2.58 -3.11
CA MET B 51 -14.80 -3.45 -2.00
C MET B 51 -15.52 -2.94 -0.77
N ASP B 52 -15.88 -3.83 0.13
CA ASP B 52 -16.66 -3.45 1.29
C ASP B 52 -16.49 -4.55 2.34
N LEU B 53 -16.98 -4.30 3.57
CA LEU B 53 -16.76 -5.25 4.66
C LEU B 53 -17.44 -6.59 4.37
N SER B 54 -18.65 -6.58 3.81
CA SER B 54 -19.34 -7.84 3.55
C SER B 54 -18.48 -8.75 2.67
N THR B 55 -17.78 -8.17 1.71
CA THR B 55 -16.93 -8.94 0.81
C THR B 55 -15.67 -9.37 1.54
N ILE B 56 -15.06 -8.48 2.32
CA ILE B 56 -13.86 -8.86 3.06
C ILE B 56 -14.17 -9.96 4.07
N LYS B 57 -15.29 -9.84 4.80
CA LYS B 57 -15.59 -10.85 5.81
C LYS B 57 -15.82 -12.21 5.16
N ARG B 58 -16.52 -12.20 4.03
CA ARG B 58 -16.75 -13.42 3.27
C ARG B 58 -15.45 -14.06 2.84
N LYS B 59 -14.55 -13.24 2.27
CA LYS B 59 -13.25 -13.75 1.84
C LYS B 59 -12.48 -14.38 2.99
N LEU B 60 -12.52 -13.76 4.17
CA LEU B 60 -11.80 -14.30 5.31
C LEU B 60 -12.40 -15.63 5.73
N ASP B 61 -13.73 -15.68 5.77
CA ASP B 61 -14.48 -16.85 6.21
C ASP B 61 -14.37 -18.03 5.27
N THR B 62 -14.00 -17.79 4.01
CA THR B 62 -13.96 -18.83 2.99
C THR B 62 -12.56 -19.09 2.47
N GLY B 63 -11.54 -18.63 3.18
CA GLY B 63 -10.17 -18.94 2.84
C GLY B 63 -9.66 -18.35 1.54
N GLN B 64 -10.12 -17.16 1.15
CA GLN B 64 -9.61 -16.59 -0.08
C GLN B 64 -8.34 -15.79 0.11
N TYR B 65 -7.93 -15.50 1.35
CA TYR B 65 -6.64 -14.86 1.61
C TYR B 65 -5.63 -15.95 1.96
N GLN B 66 -4.63 -16.08 1.08
CA GLN B 66 -3.51 -17.00 1.27
C GLN B 66 -2.43 -16.41 2.18
N GLU B 67 -2.28 -15.09 2.19
CA GLU B 67 -1.25 -14.38 2.93
C GLU B 67 -1.87 -13.12 3.52
N PRO B 68 -1.36 -12.65 4.65
CA PRO B 68 -2.03 -11.52 5.32
C PRO B 68 -2.04 -10.25 4.50
N TRP B 69 -1.04 -10.03 3.65
CA TRP B 69 -1.00 -8.83 2.83
C TRP B 69 -2.20 -8.75 1.89
N GLN B 70 -2.75 -9.87 1.50
CA GLN B 70 -3.88 -9.80 0.58
C GLN B 70 -5.12 -9.29 1.28
N TYR B 71 -5.29 -9.65 2.55
CA TYR B 71 -6.37 -9.10 3.35
C TYR B 71 -6.17 -7.60 3.58
N VAL B 72 -4.95 -7.20 3.93
CA VAL B 72 -4.65 -5.78 4.11
C VAL B 72 -4.93 -5.01 2.82
N ASP B 73 -4.59 -5.59 1.67
CA ASP B 73 -4.87 -4.94 0.39
C ASP B 73 -6.35 -4.64 0.22
N ASP B 74 -7.23 -5.59 0.54
CA ASP B 74 -8.66 -5.36 0.33
C ASP B 74 -9.20 -4.35 1.31
N VAL B 75 -8.72 -4.36 2.55
CA VAL B 75 -9.16 -3.37 3.51
C VAL B 75 -8.84 -1.96 2.97
N TRP B 76 -7.60 -1.78 2.51
CA TRP B 76 -7.18 -0.46 2.04
C TRP B 76 -7.79 -0.12 0.68
N LEU B 77 -8.13 -1.11 -0.13
CA LEU B 77 -8.92 -0.84 -1.33
C LEU B 77 -10.27 -0.22 -0.97
N MET B 78 -10.94 -0.77 0.05
CA MET B 78 -12.19 -0.20 0.54
C MET B 78 -11.96 1.25 0.99
N PHE B 79 -10.92 1.50 1.78
CA PHE B 79 -10.67 2.88 2.26
C PHE B 79 -10.29 3.83 1.12
N ASN B 80 -9.35 3.43 0.27
CA ASN B 80 -8.90 4.32 -0.80
C ASN B 80 -10.05 4.62 -1.75
N ASN B 81 -10.94 3.65 -1.98
CA ASN B 81 -12.10 3.92 -2.81
C ASN B 81 -12.96 5.01 -2.19
N ALA B 82 -13.19 4.96 -0.89
CA ALA B 82 -14.06 5.95 -0.25
C ALA B 82 -13.40 7.32 -0.15
N TRP B 83 -12.10 7.40 0.11
CA TRP B 83 -11.44 8.70 0.12
C TRP B 83 -11.38 9.31 -1.27
N LEU B 84 -11.39 8.46 -2.32
CA LEU B 84 -11.39 8.95 -3.70
C LEU B 84 -12.76 9.49 -4.07
N TYR B 85 -13.81 8.73 -3.81
CA TYR B 85 -15.14 9.07 -4.29
C TYR B 85 -15.76 10.21 -3.49
N ASN B 86 -15.57 10.23 -2.18
CA ASN B 86 -16.23 11.21 -1.32
C ASN B 86 -15.36 12.45 -1.06
N ARG B 87 -16.00 13.57 -0.76
CA ARG B 87 -15.25 14.80 -0.54
C ARG B 87 -14.67 14.80 0.88
N LYS B 88 -13.55 15.51 1.03
CA LYS B 88 -12.90 15.62 2.35
C LYS B 88 -13.84 16.07 3.46
N THR B 89 -14.82 16.90 3.15
CA THR B 89 -15.68 17.44 4.20
C THR B 89 -16.93 16.60 4.43
N SER B 90 -17.01 15.41 3.83
CA SER B 90 -18.25 14.64 3.85
C SER B 90 -18.22 13.62 4.98
N ARG B 91 -19.43 13.22 5.39
CA ARG B 91 -19.59 12.23 6.45
C ARG B 91 -18.88 10.93 6.09
N VAL B 92 -19.08 10.45 4.87
CA VAL B 92 -18.51 9.16 4.50
C VAL B 92 -16.98 9.21 4.50
N TYR B 93 -16.41 10.33 4.02
CA TYR B 93 -14.95 10.47 4.09
C TYR B 93 -14.44 10.42 5.55
N LYS B 94 -15.09 11.14 6.45
CA LYS B 94 -14.65 11.16 7.84
C LYS B 94 -14.84 9.80 8.50
N PHE B 95 -15.93 9.10 8.17
CA PHE B 95 -16.14 7.77 8.71
C PHE B 95 -15.03 6.84 8.24
N CYS B 96 -14.65 6.95 6.97
CA CYS B 96 -13.54 6.16 6.46
C CYS B 96 -12.27 6.40 7.27
N SER B 97 -11.98 7.66 7.56
CA SER B 97 -10.81 7.98 8.36
C SER B 97 -10.82 7.28 9.72
N LYS B 98 -11.97 7.27 10.39
CA LYS B 98 -12.05 6.57 11.68
C LYS B 98 -11.77 5.08 11.50
N LEU B 99 -12.31 4.46 10.48
CA LEU B 99 -12.01 3.04 10.29
C LEU B 99 -10.52 2.83 10.07
N ALA B 100 -9.87 3.71 9.32
CA ALA B 100 -8.45 3.51 9.01
C ALA B 100 -7.61 3.66 10.26
N GLU B 101 -7.99 4.57 11.14
CA GLU B 101 -7.29 4.76 12.40
C GLU B 101 -7.41 3.52 13.27
N VAL B 102 -8.61 2.96 13.34
CA VAL B 102 -8.84 1.73 14.08
C VAL B 102 -8.07 0.58 13.46
N PHE B 103 -8.00 0.50 12.13
CA PHE B 103 -7.33 -0.63 11.51
C PHE B 103 -5.84 -0.56 11.75
N GLU B 104 -5.27 0.62 11.61
CA GLU B 104 -3.83 0.75 11.85
C GLU B 104 -3.47 0.21 13.23
N GLN B 105 -4.32 0.47 14.24
CA GLN B 105 -3.99 0.01 15.58
C GLN B 105 -4.16 -1.49 15.73
N GLU B 106 -5.20 -2.07 15.15
CA GLU B 106 -5.39 -3.52 15.26
C GLU B 106 -4.34 -4.28 14.45
N ILE B 107 -3.98 -3.78 13.26
CA ILE B 107 -3.24 -4.62 12.33
C ILE B 107 -1.75 -4.68 12.65
N ASP B 108 -1.20 -3.63 13.25
CA ASP B 108 0.25 -3.59 13.45
C ASP B 108 0.75 -4.67 14.39
N PRO B 109 0.25 -4.80 15.61
CA PRO B 109 0.67 -5.94 16.44
C PRO B 109 0.35 -7.28 15.81
N VAL B 110 -0.81 -7.39 15.16
CA VAL B 110 -1.17 -8.64 14.52
C VAL B 110 -0.19 -9.01 13.43
N MET B 111 0.21 -8.03 12.60
CA MET B 111 1.15 -8.32 11.53
C MET B 111 2.52 -8.66 12.06
N GLN B 112 2.92 -8.03 13.17
CA GLN B 112 4.17 -8.40 13.82
C GLN B 112 4.14 -9.86 14.26
N ALA B 113 3.11 -10.23 15.03
CA ALA B 113 2.93 -11.60 15.48
C ALA B 113 2.63 -12.56 14.34
N LEU B 114 2.38 -12.06 13.13
CA LEU B 114 1.97 -12.86 11.98
C LEU B 114 0.53 -13.37 12.10
S DMS C . 19.55 -5.71 -9.53
O DMS C . 20.38 -5.31 -8.40
C1 DMS C . 19.41 -7.53 -9.46
C2 DMS C . 17.87 -5.05 -9.34
C1 EDO D . 28.30 -6.09 -15.46
O1 EDO D . 27.18 -6.64 -14.88
C2 EDO D . 27.91 -5.90 -16.87
O2 EDO D . 28.19 -4.57 -16.99
C14 BKD E . -24.57 9.37 -1.85
C5 BKD E . -20.75 6.00 -1.62
C6 BKD E . -21.23 7.36 -1.09
C7 BKD E . -22.16 7.08 0.07
C8 BKD E . -22.32 5.87 0.68
C9 BKD E . -23.27 6.10 1.69
C12 BKD E . -23.19 9.37 0.36
C13 BKD E . -24.54 9.54 -0.34
C1 BKD E . -18.71 3.93 0.93
C15 BKD E . -24.72 10.78 -1.25
C16 BKD E . -23.85 5.13 2.65
C17 BKD E . -24.25 3.87 2.24
C18 BKD E . -24.88 2.93 3.09
C19 BKD E . -25.16 3.28 4.41
C2 BKD E . -19.10 4.89 -0.18
C20 BKD E . -24.82 4.59 4.83
C21 BKD E . -24.16 5.53 3.97
C22 BKD E . -23.95 6.75 4.74
C23 BKD E . -24.46 6.53 6.00
C26 BKD E . -21.54 4.63 0.29
N10 BKD E . -23.64 7.35 1.68
N11 BKD E . -23.01 7.96 0.65
N24 BKD E . -24.96 5.25 6.04
N4 BKD E . -20.38 5.10 -0.51
O3 BKD E . -18.23 5.43 -0.89
H25 BKD E . -25.39 4.87 6.82
#